data_5OGJ
#
_entry.id   5OGJ
#
_cell.length_a   56.445
_cell.length_b   57.244
_cell.length_c   159.782
_cell.angle_alpha   90.000
_cell.angle_beta   90.000
_cell.angle_gamma   90.000
#
_symmetry.space_group_name_H-M   'P 21 21 21'
#
loop_
_entity.id
_entity.type
_entity.pdbx_description
1 polymer 'Carbonic anhydrase 13'
2 non-polymer 'ZINC ION'
3 non-polymer 'CITRIC ACID'
4 non-polymer DI(HYDROXYETHYL)ETHER
5 non-polymer 'ACETATE ION'
6 non-polymer 1,2-ETHANEDIOL
7 non-polymer 2-(cyclooctylamino)-3,5,6-trifluoro-4-[(2-hydroxyethyl)sulfanyl]benzenesulfonamide
8 water water
#
_entity_poly.entity_id   1
_entity_poly.type   'polypeptide(L)'
_entity_poly.pdbx_seq_one_letter_code
;MMSRLSWGYREHNGPIHWKEFFPIADGDQQSPIEIKTKEVKYDSSLRPLSIKYDPSSAKIISNSGHSFNVDFDDTENKSV
LRGGPLTGSYRLRQVHLHWGSADDHGSEHIVDGVSYAAELHVVHWNSDKYPSFVEAAHEPDGLAVLGVFLQIGEPNSQLQ
KITDTLDSIKEKGKQTRFTNFDLLSLLPPSWDYWTYPGSLTVPPLLESVTWIVLKQPINISSQQLAKFRSLLCTAEGEAA
AFLVSNHRPPQPLKGRKVRASFH
;
_entity_poly.pdbx_strand_id   B,A
#
loop_
_chem_comp.id
_chem_comp.type
_chem_comp.name
_chem_comp.formula
ACT non-polymer 'ACETATE ION' 'C2 H3 O2 -1'
CIT non-polymer 'CITRIC ACID' 'C6 H8 O7'
EDO non-polymer 1,2-ETHANEDIOL 'C2 H6 O2'
PEG non-polymer DI(HYDROXYETHYL)ETHER 'C4 H10 O3'
V90 non-polymer 2-(cyclooctylamino)-3,5,6-trifluoro-4-[(2-hydroxyethyl)sulfanyl]benzenesulfonamide 'C16 H23 F3 N2 O3 S2'
ZN non-polymer 'ZINC ION' 'Zn 2'
#
# COMPACT_ATOMS: atom_id res chain seq x y z
N MET A 1 -39.95 8.44 14.04
CA MET A 1 -39.95 7.54 15.22
C MET A 1 -38.97 6.44 14.84
N MET A 2 -38.68 5.60 15.80
CA MET A 2 -37.88 4.43 15.53
C MET A 2 -38.66 3.38 14.71
N SER A 3 -38.00 2.83 13.69
CA SER A 3 -38.60 1.71 12.97
C SER A 3 -37.42 1.04 12.31
N ARG A 4 -37.67 -0.18 11.80
CA ARG A 4 -36.65 -0.88 11.11
C ARG A 4 -36.01 0.02 10.03
N LEU A 5 -36.83 0.69 9.22
CA LEU A 5 -36.29 1.49 8.09
C LEU A 5 -35.92 2.96 8.43
N SER A 6 -36.20 3.41 9.64
CA SER A 6 -35.96 4.77 9.99
C SER A 6 -35.09 4.96 11.21
N TRP A 7 -34.19 4.03 11.46
CA TRP A 7 -33.15 4.25 12.47
C TRP A 7 -32.28 5.46 12.13
N GLY A 8 -31.67 6.05 13.15
CA GLY A 8 -30.74 7.14 12.93
C GLY A 8 -29.98 7.43 14.18
N TYR A 9 -29.76 8.73 14.41
CA TYR A 9 -28.98 9.15 15.56
C TYR A 9 -29.74 10.22 16.32
N ARG A 10 -31.02 10.42 16.01
CA ARG A 10 -31.79 11.46 16.69
C ARG A 10 -32.44 10.82 17.96
N GLU A 11 -33.19 11.61 18.71
CA GLU A 11 -33.68 11.21 19.99
C GLU A 11 -34.50 9.90 19.94
N HIS A 12 -35.48 9.78 19.06
CA HIS A 12 -36.36 8.69 19.07
C HIS A 12 -35.86 7.56 18.24
N ASN A 13 -34.88 7.77 17.34
CA ASN A 13 -34.43 6.69 16.46
C ASN A 13 -32.97 6.35 16.66
N GLY A 14 -32.35 6.86 17.71
CA GLY A 14 -30.92 6.73 17.90
C GLY A 14 -30.47 5.44 18.49
N PRO A 15 -29.17 5.30 18.69
CA PRO A 15 -28.54 4.08 19.16
C PRO A 15 -29.26 3.32 20.28
N ILE A 16 -29.75 4.02 21.33
CA ILE A 16 -30.33 3.34 22.47
C ILE A 16 -31.66 2.68 22.04
N HIS A 17 -32.22 3.03 20.93
CA HIS A 17 -33.44 2.50 20.41
C HIS A 17 -33.24 1.41 19.35
N TRP A 18 -32.01 1.20 18.86
CA TRP A 18 -31.85 0.27 17.76
C TRP A 18 -32.28 -1.10 18.15
N LYS A 19 -32.07 -1.54 19.41
CA LYS A 19 -32.46 -2.89 19.88
C LYS A 19 -33.96 -3.17 19.65
N GLU A 20 -34.81 -2.14 19.49
CA GLU A 20 -36.21 -2.38 19.35
C GLU A 20 -36.51 -3.13 18.05
N PHE A 21 -35.72 -2.88 17.03
CA PHE A 21 -35.83 -3.52 15.76
C PHE A 21 -34.65 -4.38 15.36
N PHE A 22 -33.55 -4.30 16.09
CA PHE A 22 -32.34 -5.11 15.82
C PHE A 22 -31.77 -5.58 17.16
N PRO A 23 -32.43 -6.70 17.70
CA PRO A 23 -32.07 -7.11 19.04
C PRO A 23 -30.63 -7.66 19.18
N ILE A 24 -29.91 -7.88 18.03
CA ILE A 24 -28.54 -8.22 18.06
C ILE A 24 -27.68 -7.03 18.63
N ALA A 25 -28.31 -5.83 18.74
CA ALA A 25 -27.68 -4.72 19.37
C ALA A 25 -27.09 -5.00 20.74
N ASP A 26 -27.83 -5.97 21.43
CA ASP A 26 -27.43 -6.38 22.76
C ASP A 26 -26.74 -7.71 22.75
N GLY A 27 -26.15 -8.09 21.62
CA GLY A 27 -25.44 -9.35 21.41
C GLY A 27 -24.12 -9.38 22.08
N ASP A 28 -23.44 -10.50 21.82
CA ASP A 28 -22.16 -10.80 22.44
C ASP A 28 -20.94 -10.34 21.69
N GLN A 29 -21.12 -9.95 20.41
CA GLN A 29 -19.98 -9.51 19.61
C GLN A 29 -20.28 -8.19 18.92
N GLN A 30 -20.73 -7.21 19.72
CA GLN A 30 -21.10 -5.92 19.17
C GLN A 30 -19.92 -4.96 19.21
N SER A 31 -19.99 -4.00 18.32
CA SER A 31 -19.02 -2.95 18.18
C SER A 31 -19.71 -1.60 18.19
N PRO A 32 -18.93 -0.52 18.46
CA PRO A 32 -17.56 -0.51 18.87
C PRO A 32 -17.39 -0.95 20.32
N ILE A 33 -16.17 -0.88 20.81
CA ILE A 33 -15.79 -1.32 22.17
C ILE A 33 -14.86 -0.29 22.76
N GLU A 34 -14.69 -0.43 24.09
CA GLU A 34 -13.59 0.15 24.81
C GLU A 34 -12.44 -0.84 24.83
N ILE A 35 -11.24 -0.28 24.51
CA ILE A 35 -10.04 -1.05 24.54
C ILE A 35 -9.27 -0.69 25.82
N LYS A 36 -9.10 -1.68 26.69
CA LYS A 36 -8.38 -1.58 27.97
C LYS A 36 -7.02 -2.16 27.68
N THR A 37 -6.07 -1.31 27.45
CA THR A 37 -4.75 -1.80 26.95
C THR A 37 -4.03 -2.67 27.96
N LYS A 38 -4.26 -2.48 29.25
CA LYS A 38 -3.58 -3.31 30.22
C LYS A 38 -3.99 -4.76 30.05
N GLU A 39 -5.16 -5.06 29.45
CA GLU A 39 -5.64 -6.39 29.22
C GLU A 39 -5.51 -6.83 27.77
N VAL A 40 -4.78 -6.09 26.98
CA VAL A 40 -4.54 -6.52 25.64
C VAL A 40 -3.25 -7.33 25.61
N LYS A 41 -3.22 -8.46 24.93
CA LYS A 41 -1.97 -9.19 24.70
C LYS A 41 -1.47 -9.04 23.27
N TYR A 42 -0.15 -8.84 23.10
CA TYR A 42 0.53 -8.95 21.86
C TYR A 42 0.36 -10.35 21.36
N ASP A 43 0.07 -10.48 20.08
CA ASP A 43 0.04 -11.77 19.44
C ASP A 43 1.05 -11.84 18.30
N SER A 44 2.15 -12.56 18.58
CA SER A 44 3.17 -12.79 17.58
C SER A 44 2.74 -13.54 16.38
N SER A 45 1.58 -14.28 16.45
CA SER A 45 1.09 -14.98 15.28
C SER A 45 0.38 -14.12 14.23
N LEU A 46 0.09 -12.90 14.55
CA LEU A 46 -0.46 -12.02 13.54
C LEU A 46 0.59 -11.82 12.45
N ARG A 47 0.16 -11.86 11.21
CA ARG A 47 1.09 -11.68 10.08
C ARG A 47 1.19 -10.23 9.75
N PRO A 48 2.20 -9.78 8.97
CA PRO A 48 2.19 -8.38 8.58
C PRO A 48 0.92 -8.02 7.86
N LEU A 49 0.45 -6.80 8.09
CA LEU A 49 -0.67 -6.30 7.34
C LEU A 49 -0.22 -5.95 5.91
N SER A 50 -1.10 -6.11 4.96
CA SER A 50 -0.85 -5.82 3.55
C SER A 50 -1.95 -5.00 3.04
N ILE A 51 -1.63 -3.80 2.55
CA ILE A 51 -2.69 -2.92 2.03
C ILE A 51 -2.28 -2.54 0.61
N LYS A 52 -3.01 -3.08 -0.35
CA LYS A 52 -2.80 -2.77 -1.75
C LYS A 52 -4.00 -1.97 -2.22
N TYR A 53 -3.87 -0.68 -2.46
N TYR A 53 -3.78 -0.74 -2.57
CA TYR A 53 -5.03 0.18 -2.84
CA TYR A 53 -4.90 0.11 -2.87
C TYR A 53 -4.73 0.91 -4.13
C TYR A 53 -4.68 0.78 -4.19
N ASP A 54 -5.70 0.82 -5.03
CA ASP A 54 -5.64 1.44 -6.35
C ASP A 54 -6.61 2.63 -6.34
N PRO A 55 -6.13 3.85 -6.52
CA PRO A 55 -7.00 5.01 -6.53
C PRO A 55 -8.13 4.94 -7.53
N SER A 56 -7.97 4.20 -8.64
N SER A 56 -7.92 4.20 -8.61
CA SER A 56 -9.04 4.13 -9.65
CA SER A 56 -8.95 4.07 -9.60
C SER A 56 -10.20 3.26 -9.18
C SER A 56 -10.13 3.23 -9.17
N SER A 57 -10.02 2.51 -8.08
N SER A 57 -10.03 2.50 -8.06
CA SER A 57 -11.08 1.64 -7.59
CA SER A 57 -11.16 1.68 -7.67
C SER A 57 -12.24 2.44 -7.06
C SER A 57 -12.27 2.46 -7.08
N ALA A 58 -12.03 3.67 -6.61
CA ALA A 58 -13.12 4.47 -6.10
C ALA A 58 -14.06 4.86 -7.24
N LYS A 59 -15.34 4.83 -7.00
CA LYS A 59 -16.33 5.19 -8.03
C LYS A 59 -17.24 6.37 -7.70
N ILE A 60 -17.80 6.43 -6.50
N ILE A 60 -17.94 6.34 -6.58
CA ILE A 60 -18.94 7.29 -6.23
CA ILE A 60 -18.85 7.37 -6.23
C ILE A 60 -18.87 7.67 -4.75
C ILE A 60 -18.72 7.74 -4.76
N ILE A 61 -19.22 8.90 -4.43
CA ILE A 61 -19.45 9.30 -3.05
C ILE A 61 -20.90 9.66 -2.93
N SER A 62 -21.56 9.30 -1.83
CA SER A 62 -22.95 9.56 -1.62
C SER A 62 -23.23 9.87 -0.18
N ASN A 63 -24.38 10.48 0.05
CA ASN A 63 -24.89 10.70 1.41
C ASN A 63 -25.94 9.60 1.69
N SER A 64 -25.60 8.66 2.57
CA SER A 64 -26.48 7.59 2.92
C SER A 64 -27.59 8.00 3.86
N GLY A 65 -27.49 9.21 4.39
CA GLY A 65 -28.31 9.68 5.49
C GLY A 65 -27.66 9.48 6.84
N HIS A 66 -26.62 8.64 6.88
N HIS A 66 -26.67 8.59 6.90
CA HIS A 66 -25.95 8.22 8.08
CA HIS A 66 -25.97 8.31 8.16
C HIS A 66 -24.50 8.58 8.14
C HIS A 66 -24.50 8.59 8.15
N SER A 67 -23.91 8.89 6.99
CA SER A 67 -22.56 9.33 6.81
C SER A 67 -22.42 9.64 5.31
N PHE A 68 -21.22 10.04 4.89
CA PHE A 68 -20.90 9.87 3.49
C PHE A 68 -20.42 8.47 3.27
N ASN A 69 -20.58 7.96 2.06
CA ASN A 69 -20.04 6.66 1.68
C ASN A 69 -19.27 6.82 0.40
N VAL A 70 -18.00 6.47 0.39
CA VAL A 70 -17.25 6.29 -0.82
C VAL A 70 -17.33 4.83 -1.19
N ASP A 71 -17.91 4.52 -2.36
CA ASP A 71 -18.06 3.16 -2.85
C ASP A 71 -16.99 2.86 -3.85
N PHE A 72 -16.47 1.64 -3.80
CA PHE A 72 -15.38 1.16 -4.64
C PHE A 72 -15.87 -0.05 -5.50
N ASP A 73 -15.22 -0.07 -6.66
N ASP A 73 -15.13 -0.38 -6.56
CA ASP A 73 -15.26 -1.16 -7.59
CA ASP A 73 -15.50 -1.55 -7.42
C ASP A 73 -14.64 -2.29 -6.82
C ASP A 73 -15.78 -2.93 -6.74
N ASP A 74 -15.53 -3.17 -6.38
N ASP A 74 -16.84 -3.56 -7.12
CA ASP A 74 -15.21 -4.39 -5.77
CA ASP A 74 -17.09 -4.73 -6.46
C ASP A 74 -15.41 -5.65 -6.66
C ASP A 74 -16.53 -6.02 -6.87
N THR A 75 -14.94 -5.53 -7.91
N THR A 75 -16.02 -6.07 -8.06
CA THR A 75 -15.07 -6.64 -8.87
CA THR A 75 -15.66 -7.34 -8.65
C THR A 75 -13.80 -7.35 -9.13
C THR A 75 -14.15 -7.44 -9.07
N GLU A 76 -12.76 -6.61 -8.82
N GLU A 76 -13.24 -6.61 -8.57
CA GLU A 76 -11.46 -7.06 -9.01
CA GLU A 76 -11.80 -6.83 -8.84
C GLU A 76 -10.86 -6.99 -7.65
C GLU A 76 -10.88 -6.89 -7.59
N ASN A 77 -9.67 -7.46 -7.70
CA ASN A 77 -8.79 -7.46 -6.58
C ASN A 77 -7.68 -6.39 -6.67
N LYS A 78 -8.00 -5.22 -7.25
CA LYS A 78 -7.03 -4.16 -7.32
C LYS A 78 -6.78 -3.51 -5.93
N SER A 79 -7.83 -3.47 -5.10
CA SER A 79 -7.76 -2.85 -3.78
C SER A 79 -8.16 -3.89 -2.74
N VAL A 80 -7.19 -4.39 -2.02
CA VAL A 80 -7.41 -5.52 -1.10
C VAL A 80 -6.59 -5.34 0.15
N LEU A 81 -7.14 -5.92 1.21
CA LEU A 81 -6.54 -5.98 2.55
C LEU A 81 -6.24 -7.45 2.82
N ARG A 82 -4.99 -7.74 3.22
CA ARG A 82 -4.54 -9.09 3.51
C ARG A 82 -3.69 -9.03 4.73
N GLY A 83 -3.42 -10.22 5.30
CA GLY A 83 -2.48 -10.30 6.40
C GLY A 83 -3.13 -9.92 7.73
N GLY A 84 -2.28 -9.59 8.67
CA GLY A 84 -2.75 -9.34 9.99
C GLY A 84 -3.46 -10.57 10.57
N PRO A 85 -4.71 -10.42 11.06
CA PRO A 85 -5.49 -11.53 11.58
C PRO A 85 -6.20 -12.30 10.48
N LEU A 86 -6.13 -11.86 9.25
CA LEU A 86 -7.04 -12.34 8.21
C LEU A 86 -6.52 -13.55 7.48
N THR A 87 -7.46 -14.42 7.12
CA THR A 87 -7.20 -15.52 6.18
C THR A 87 -7.78 -15.19 4.82
N GLY A 88 -6.93 -15.10 3.79
CA GLY A 88 -7.42 -14.79 2.43
C GLY A 88 -7.51 -13.28 2.19
N SER A 89 -8.12 -12.95 1.09
CA SER A 89 -8.10 -11.59 0.55
C SER A 89 -9.43 -10.92 0.76
N TYR A 90 -9.41 -9.73 1.34
CA TYR A 90 -10.60 -8.97 1.64
C TYR A 90 -10.63 -7.72 0.77
N ARG A 91 -11.66 -7.65 -0.05
CA ARG A 91 -11.77 -6.65 -1.10
C ARG A 91 -12.37 -5.37 -0.59
N LEU A 92 -11.76 -4.24 -0.92
CA LEU A 92 -12.26 -2.94 -0.47
C LEU A 92 -13.62 -2.66 -1.04
N ARG A 93 -14.57 -2.27 -0.18
CA ARG A 93 -15.92 -1.95 -0.59
C ARG A 93 -16.30 -0.49 -0.34
N GLN A 94 -16.06 0.01 0.89
N GLN A 94 -15.98 0.09 0.83
CA GLN A 94 -16.64 1.29 1.30
CA GLN A 94 -16.56 1.40 1.13
C GLN A 94 -15.70 1.99 2.26
C GLN A 94 -15.77 2.00 2.25
N VAL A 95 -15.76 3.33 2.24
CA VAL A 95 -15.20 4.16 3.31
C VAL A 95 -16.28 5.10 3.80
N HIS A 96 -16.36 5.29 5.10
CA HIS A 96 -17.28 6.29 5.70
C HIS A 96 -16.65 6.78 6.99
N LEU A 97 -17.34 7.76 7.63
CA LEU A 97 -16.77 8.47 8.77
C LEU A 97 -17.84 8.64 9.84
N HIS A 98 -17.41 8.58 11.10
CA HIS A 98 -18.27 8.86 12.25
C HIS A 98 -17.68 10.04 13.02
N TRP A 99 -18.55 10.87 13.55
CA TRP A 99 -18.18 12.06 14.31
C TRP A 99 -19.26 12.29 15.38
N GLY A 100 -18.97 13.26 16.25
CA GLY A 100 -19.90 13.67 17.27
C GLY A 100 -20.31 15.13 17.03
N SER A 101 -21.21 15.64 17.89
CA SER A 101 -21.67 17.00 17.67
C SER A 101 -20.66 18.01 18.09
N ALA A 102 -19.63 17.63 18.82
CA ALA A 102 -18.55 18.58 19.20
C ALA A 102 -17.23 17.82 19.15
N ASP A 103 -16.17 18.58 19.11
CA ASP A 103 -14.86 18.04 18.82
C ASP A 103 -14.32 17.12 19.89
N ASP A 104 -14.80 17.25 21.10
CA ASP A 104 -14.19 16.49 22.24
C ASP A 104 -14.45 15.03 22.25
N HIS A 105 -15.44 14.57 21.50
CA HIS A 105 -15.71 13.16 21.40
C HIS A 105 -16.48 12.86 20.16
N GLY A 106 -16.57 11.63 19.71
CA GLY A 106 -17.16 11.31 18.45
C GLY A 106 -16.58 10.06 17.86
N SER A 107 -15.39 9.63 18.22
CA SER A 107 -14.93 8.32 17.80
C SER A 107 -15.88 7.24 18.34
N GLU A 108 -15.87 6.10 17.67
CA GLU A 108 -16.63 4.94 18.08
C GLU A 108 -15.88 4.08 19.09
N HIS A 109 -14.69 3.63 18.73
CA HIS A 109 -13.81 2.99 19.69
C HIS A 109 -13.23 4.05 20.60
N ILE A 110 -12.97 3.61 21.85
CA ILE A 110 -12.43 4.51 22.90
C ILE A 110 -11.32 3.71 23.58
N VAL A 111 -10.12 4.32 23.69
CA VAL A 111 -8.93 3.59 24.14
C VAL A 111 -8.52 4.09 25.50
N ASP A 112 -8.64 3.24 26.52
CA ASP A 112 -8.29 3.67 27.89
C ASP A 112 -9.02 4.99 28.26
N GLY A 113 -10.27 5.11 27.86
CA GLY A 113 -11.08 6.29 28.17
C GLY A 113 -10.87 7.44 27.21
N VAL A 114 -9.93 7.41 26.29
CA VAL A 114 -9.68 8.46 25.39
C VAL A 114 -10.53 8.35 24.15
N SER A 115 -11.30 9.37 23.86
CA SER A 115 -12.02 9.52 22.62
C SER A 115 -11.28 10.45 21.69
N TYR A 116 -11.53 10.25 20.41
CA TYR A 116 -11.05 11.18 19.40
C TYR A 116 -12.26 11.89 18.85
N ALA A 117 -11.98 12.85 17.95
CA ALA A 117 -13.06 13.63 17.36
C ALA A 117 -13.89 12.88 16.35
N ALA A 118 -13.27 11.88 15.68
CA ALA A 118 -13.98 11.21 14.60
C ALA A 118 -13.27 9.88 14.38
N GLU A 119 -13.86 9.03 13.51
CA GLU A 119 -13.30 7.73 13.24
C GLU A 119 -13.73 7.31 11.85
N LEU A 120 -12.72 6.97 11.03
CA LEU A 120 -12.92 6.51 9.67
C LEU A 120 -12.99 5.00 9.67
N HIS A 121 -13.95 4.44 8.92
CA HIS A 121 -14.07 3.00 8.73
C HIS A 121 -13.87 2.64 7.29
N VAL A 122 -13.02 1.65 7.06
CA VAL A 122 -12.66 1.18 5.74
C VAL A 122 -13.07 -0.26 5.64
N VAL A 123 -14.14 -0.54 4.89
CA VAL A 123 -14.85 -1.81 4.93
C VAL A 123 -14.43 -2.69 3.78
N HIS A 124 -14.08 -3.94 4.06
CA HIS A 124 -13.64 -4.93 3.10
C HIS A 124 -14.40 -6.23 3.30
N TRP A 125 -14.48 -7.05 2.26
CA TRP A 125 -15.21 -8.29 2.37
C TRP A 125 -14.47 -9.46 1.74
N ASN A 126 -14.74 -10.66 2.27
CA ASN A 126 -13.98 -11.87 1.89
C ASN A 126 -14.49 -12.42 0.59
N SER A 127 -13.87 -12.02 -0.51
CA SER A 127 -14.21 -12.45 -1.86
C SER A 127 -13.61 -13.79 -2.21
N ASP A 128 -12.70 -14.29 -1.36
CA ASP A 128 -12.22 -15.66 -1.56
C ASP A 128 -13.25 -16.69 -1.20
N LYS A 129 -14.20 -16.36 -0.32
CA LYS A 129 -15.23 -17.31 0.14
C LYS A 129 -16.63 -17.00 -0.28
N TYR A 130 -16.93 -15.71 -0.43
CA TYR A 130 -18.34 -15.32 -0.54
C TYR A 130 -18.53 -14.61 -1.86
N PRO A 131 -19.74 -14.64 -2.40
CA PRO A 131 -19.98 -14.19 -3.74
C PRO A 131 -20.23 -12.69 -3.83
N SER A 132 -20.48 -12.01 -2.70
CA SER A 132 -20.85 -10.61 -2.69
C SER A 132 -20.64 -10.09 -1.24
N PHE A 133 -20.51 -8.79 -1.21
CA PHE A 133 -20.45 -8.08 0.09
C PHE A 133 -21.69 -8.45 0.98
N VAL A 134 -22.79 -8.21 0.27
N VAL A 134 -22.91 -8.74 0.47
CA VAL A 134 -24.01 -8.42 0.91
CA VAL A 134 -24.08 -9.04 1.35
C VAL A 134 -23.98 -9.84 1.58
C VAL A 134 -24.06 -10.41 1.94
N GLU A 135 -23.48 -11.03 1.00
CA GLU A 135 -23.47 -12.32 1.56
C GLU A 135 -22.38 -12.46 2.67
N ALA A 136 -21.24 -11.90 2.40
CA ALA A 136 -20.16 -11.88 3.36
C ALA A 136 -20.54 -11.22 4.71
N ALA A 137 -21.41 -10.23 4.62
CA ALA A 137 -21.79 -9.47 5.80
C ALA A 137 -22.58 -10.32 6.79
N HIS A 138 -23.02 -11.52 6.38
CA HIS A 138 -23.73 -12.40 7.24
C HIS A 138 -22.90 -13.61 7.72
N GLU A 139 -21.58 -13.54 7.62
CA GLU A 139 -20.73 -14.64 8.01
C GLU A 139 -19.69 -14.13 9.00
N PRO A 140 -19.34 -14.96 9.98
N PRO A 140 -19.20 -14.95 9.94
CA PRO A 140 -18.43 -14.37 10.92
CA PRO A 140 -18.23 -14.50 11.00
C PRO A 140 -17.11 -13.90 10.36
C PRO A 140 -16.89 -14.02 10.48
N ASP A 141 -16.52 -14.63 9.39
CA ASP A 141 -15.28 -14.31 8.71
C ASP A 141 -15.51 -13.44 7.46
N GLY A 142 -16.67 -12.82 7.35
CA GLY A 142 -17.02 -12.16 6.10
C GLY A 142 -16.36 -10.83 5.86
N LEU A 143 -16.28 -9.98 6.91
CA LEU A 143 -15.87 -8.59 6.72
C LEU A 143 -14.61 -8.31 7.52
N ALA A 144 -13.83 -7.35 7.01
CA ALA A 144 -12.65 -6.83 7.71
C ALA A 144 -12.73 -5.36 7.63
N VAL A 145 -12.61 -4.66 8.76
CA VAL A 145 -12.81 -3.21 8.78
C VAL A 145 -11.63 -2.58 9.48
N LEU A 146 -10.99 -1.64 8.81
CA LEU A 146 -9.98 -0.80 9.44
C LEU A 146 -10.67 0.38 10.10
N GLY A 147 -10.28 0.66 11.34
CA GLY A 147 -10.71 1.86 12.04
C GLY A 147 -9.52 2.80 12.20
N VAL A 148 -9.72 4.07 11.82
CA VAL A 148 -8.66 5.07 11.93
C VAL A 148 -9.26 6.24 12.72
N PHE A 149 -8.58 6.58 13.80
CA PHE A 149 -9.01 7.73 14.61
C PHE A 149 -8.58 9.04 13.96
N LEU A 150 -9.44 10.06 14.14
CA LEU A 150 -9.11 11.43 13.70
C LEU A 150 -9.08 12.25 14.96
N GLN A 151 -7.94 12.89 15.21
CA GLN A 151 -7.78 13.80 16.34
C GLN A 151 -7.74 15.23 15.82
N ILE A 152 -8.26 16.15 16.61
CA ILE A 152 -8.15 17.55 16.23
C ILE A 152 -6.67 17.91 16.14
N GLY A 153 -6.25 18.53 15.03
CA GLY A 153 -4.90 18.88 14.81
C GLY A 153 -4.85 19.76 13.56
N GLU A 154 -3.66 19.95 13.01
N GLU A 154 -3.64 19.56 12.83
CA GLU A 154 -3.56 20.85 11.85
CA GLU A 154 -3.29 20.30 11.58
C GLU A 154 -4.24 20.24 10.63
C GLU A 154 -4.33 20.00 10.54
N PRO A 155 -4.86 21.06 9.79
CA PRO A 155 -5.75 20.52 8.78
C PRO A 155 -5.02 19.48 7.95
N ASN A 156 -5.77 18.54 7.46
CA ASN A 156 -5.30 17.38 6.77
C ASN A 156 -5.62 17.54 5.27
N SER A 157 -4.58 17.76 4.46
CA SER A 157 -4.77 17.93 3.03
C SER A 157 -5.38 16.72 2.34
N GLN A 158 -5.24 15.53 2.94
CA GLN A 158 -5.74 14.33 2.33
C GLN A 158 -7.22 14.24 2.38
N LEU A 159 -7.88 15.12 3.17
CA LEU A 159 -9.33 15.10 3.24
C LEU A 159 -10.01 16.00 2.18
N GLN A 160 -9.21 16.79 1.41
CA GLN A 160 -9.78 17.72 0.48
C GLN A 160 -10.75 17.09 -0.55
N LYS A 161 -10.33 15.99 -1.16
CA LYS A 161 -11.15 15.40 -2.18
C LYS A 161 -12.55 15.15 -1.63
N ILE A 162 -12.62 14.63 -0.37
CA ILE A 162 -13.89 14.39 0.29
C ILE A 162 -14.63 15.71 0.60
N THR A 163 -13.94 16.59 1.29
CA THR A 163 -14.64 17.80 1.76
C THR A 163 -15.13 18.63 0.59
N ASP A 164 -14.40 18.65 -0.56
CA ASP A 164 -14.86 19.38 -1.70
C ASP A 164 -16.20 18.93 -2.22
N THR A 165 -16.62 17.70 -1.93
CA THR A 165 -17.88 17.15 -2.45
C THR A 165 -19.07 17.36 -1.57
N LEU A 166 -18.87 17.79 -0.32
CA LEU A 166 -19.94 17.69 0.64
C LEU A 166 -21.13 18.54 0.24
N ASP A 167 -20.95 19.70 -0.34
CA ASP A 167 -22.12 20.49 -0.74
C ASP A 167 -22.96 19.77 -1.79
N SER A 168 -22.31 19.02 -2.68
CA SER A 168 -23.01 18.29 -3.74
C SER A 168 -23.80 17.12 -3.20
N ILE A 169 -23.49 16.66 -1.98
CA ILE A 169 -24.20 15.51 -1.44
C ILE A 169 -24.88 15.89 -0.12
N LYS A 170 -25.35 17.16 -0.01
CA LYS A 170 -25.92 17.61 1.25
C LYS A 170 -27.11 16.78 1.64
N GLU A 171 -28.01 16.47 0.67
CA GLU A 171 -29.20 15.73 1.00
C GLU A 171 -28.96 14.26 0.92
N LYS A 172 -29.65 13.52 1.79
CA LYS A 172 -29.65 12.07 1.71
C LYS A 172 -30.05 11.59 0.33
N GLY A 173 -29.27 10.65 -0.20
CA GLY A 173 -29.54 10.09 -1.52
C GLY A 173 -28.76 10.69 -2.64
N LYS A 174 -28.16 11.87 -2.44
CA LYS A 174 -27.38 12.45 -3.50
C LYS A 174 -26.04 11.69 -3.60
N GLN A 175 -25.55 11.65 -4.84
CA GLN A 175 -24.26 11.08 -5.15
C GLN A 175 -23.54 11.84 -6.17
N THR A 176 -22.25 11.63 -6.23
N THR A 176 -22.24 11.64 -6.24
CA THR A 176 -21.43 12.26 -7.20
CA THR A 176 -21.41 12.26 -7.19
C THR A 176 -20.24 11.36 -7.59
C THR A 176 -20.27 11.31 -7.61
N ARG A 177 -19.86 11.38 -8.84
CA ARG A 177 -18.71 10.59 -9.30
C ARG A 177 -17.50 10.95 -8.43
N PHE A 178 -16.71 9.96 -8.08
CA PHE A 178 -15.62 10.15 -7.17
C PHE A 178 -14.58 9.06 -7.40
N THR A 179 -13.58 9.37 -8.20
CA THR A 179 -12.57 8.37 -8.53
C THR A 179 -11.20 8.99 -8.35
N ASN A 180 -10.23 8.17 -8.60
CA ASN A 180 -8.87 8.63 -8.34
C ASN A 180 -8.66 9.18 -6.95
N PHE A 181 -9.05 8.39 -5.96
CA PHE A 181 -9.02 8.72 -4.57
C PHE A 181 -7.84 8.02 -3.88
N ASP A 182 -6.96 8.81 -3.32
CA ASP A 182 -5.81 8.28 -2.60
C ASP A 182 -6.16 7.97 -1.14
N LEU A 183 -6.73 6.78 -0.94
CA LEU A 183 -7.14 6.33 0.38
C LEU A 183 -5.90 6.01 1.24
N LEU A 184 -4.90 5.42 0.59
CA LEU A 184 -3.79 4.96 1.30
C LEU A 184 -3.19 6.09 2.09
N SER A 185 -3.19 7.28 1.54
N SER A 185 -3.14 7.35 1.57
CA SER A 185 -2.57 8.34 2.18
CA SER A 185 -2.57 8.58 2.24
C SER A 185 -3.42 8.99 3.33
C SER A 185 -3.43 9.06 3.44
N LEU A 186 -4.63 8.50 3.60
CA LEU A 186 -5.45 8.85 4.77
C LEU A 186 -5.17 7.82 5.99
N LEU A 187 -4.31 6.93 5.82
CA LEU A 187 -3.88 6.11 6.92
C LEU A 187 -2.70 6.77 7.58
N PRO A 188 -2.52 6.58 8.90
CA PRO A 188 -1.37 7.11 9.61
C PRO A 188 -0.09 6.40 9.20
N PRO A 189 1.04 6.96 9.56
CA PRO A 189 2.30 6.30 9.19
C PRO A 189 2.51 4.94 9.84
N SER A 190 2.13 4.82 11.11
CA SER A 190 2.20 3.52 11.80
C SER A 190 0.85 2.79 11.62
N TRP A 191 0.96 1.51 11.25
CA TRP A 191 -0.22 0.68 11.13
C TRP A 191 -0.34 -0.27 12.27
N ASP A 192 0.30 -0.02 13.40
CA ASP A 192 0.07 -0.82 14.62
C ASP A 192 -1.41 -0.81 14.94
N TYR A 193 -1.94 -1.95 15.39
CA TYR A 193 -3.38 -2.06 15.57
C TYR A 193 -3.75 -3.00 16.67
N TRP A 194 -5.01 -2.85 17.07
CA TRP A 194 -5.71 -3.84 17.86
C TRP A 194 -6.73 -4.58 17.02
N THR A 195 -7.00 -5.84 17.31
CA THR A 195 -7.96 -6.60 16.55
C THR A 195 -8.84 -7.41 17.49
N TYR A 196 -10.10 -7.56 17.09
CA TYR A 196 -11.09 -8.31 17.87
C TYR A 196 -12.24 -8.62 16.94
N PRO A 197 -13.07 -9.59 17.31
CA PRO A 197 -14.25 -9.92 16.51
C PRO A 197 -15.44 -9.10 16.97
N GLY A 198 -16.11 -8.44 16.01
CA GLY A 198 -17.22 -7.59 16.34
C GLY A 198 -18.22 -7.49 15.21
N SER A 199 -18.79 -6.28 15.08
CA SER A 199 -20.01 -6.13 14.27
C SER A 199 -19.97 -4.85 13.45
N LEU A 200 -20.89 -4.75 12.53
CA LEU A 200 -21.25 -3.43 11.99
C LEU A 200 -21.67 -2.55 13.16
N THR A 201 -21.40 -1.24 13.04
CA THR A 201 -21.77 -0.31 14.09
C THR A 201 -23.03 0.47 13.75
N VAL A 202 -23.69 0.12 12.64
CA VAL A 202 -25.02 0.59 12.32
C VAL A 202 -25.89 -0.60 12.10
N PRO A 203 -27.21 -0.46 12.23
CA PRO A 203 -28.15 -1.49 11.78
C PRO A 203 -27.80 -1.92 10.42
N PRO A 204 -27.76 -3.24 10.16
CA PRO A 204 -28.30 -4.30 10.95
C PRO A 204 -27.35 -4.92 11.97
N LEU A 205 -26.20 -4.29 12.25
CA LEU A 205 -25.41 -4.63 13.43
C LEU A 205 -24.88 -6.08 13.39
N LEU A 206 -24.63 -6.57 12.16
CA LEU A 206 -24.29 -7.96 11.95
C LEU A 206 -22.90 -8.26 12.52
N GLU A 207 -22.80 -9.45 13.15
CA GLU A 207 -21.60 -9.87 13.82
C GLU A 207 -20.72 -10.65 12.85
N SER A 208 -20.13 -9.88 11.92
CA SER A 208 -19.40 -10.45 10.79
C SER A 208 -18.05 -9.77 10.60
N VAL A 209 -17.63 -8.94 11.56
CA VAL A 209 -16.48 -8.08 11.32
C VAL A 209 -15.28 -8.49 12.13
N THR A 210 -14.13 -8.64 11.43
CA THR A 210 -12.83 -8.64 12.05
C THR A 210 -12.35 -7.21 12.07
N TRP A 211 -12.37 -6.61 13.27
CA TRP A 211 -11.97 -5.21 13.42
C TRP A 211 -10.46 -5.13 13.52
N ILE A 212 -9.90 -4.11 12.83
CA ILE A 212 -8.49 -3.81 12.87
C ILE A 212 -8.44 -2.28 13.13
N VAL A 213 -8.22 -1.93 14.40
CA VAL A 213 -8.30 -0.55 14.83
C VAL A 213 -6.91 -0.03 15.01
N LEU A 214 -6.52 0.96 14.19
CA LEU A 214 -5.16 1.45 14.23
C LEU A 214 -4.96 2.33 15.44
N LYS A 215 -3.82 2.20 16.09
CA LYS A 215 -3.49 2.97 17.27
C LYS A 215 -3.27 4.46 16.98
N GLN A 216 -2.55 4.77 15.90
CA GLN A 216 -2.11 6.14 15.66
C GLN A 216 -3.20 6.94 14.97
N PRO A 217 -3.60 8.10 15.53
N PRO A 217 -3.66 8.07 15.55
CA PRO A 217 -4.62 8.91 14.86
CA PRO A 217 -4.63 8.89 14.79
C PRO A 217 -4.03 9.73 13.72
C PRO A 217 -3.98 9.62 13.63
N ILE A 218 -4.89 10.08 12.78
CA ILE A 218 -4.58 11.11 11.79
C ILE A 218 -5.22 12.41 12.28
N ASN A 219 -4.84 13.52 11.69
CA ASN A 219 -5.35 14.82 12.09
C ASN A 219 -6.52 15.28 11.25
N ILE A 220 -7.36 16.14 11.83
CA ILE A 220 -8.37 16.87 11.14
C ILE A 220 -8.52 18.21 11.86
N SER A 221 -8.76 19.31 11.16
CA SER A 221 -9.02 20.54 11.89
C SER A 221 -10.46 20.65 12.29
N SER A 222 -10.83 21.51 13.24
N SER A 222 -10.63 21.51 13.31
CA SER A 222 -12.22 21.73 13.61
CA SER A 222 -12.00 21.74 13.74
C SER A 222 -13.04 22.32 12.43
C SER A 222 -12.81 22.23 12.53
N GLN A 223 -12.33 23.16 11.65
CA GLN A 223 -13.05 23.67 10.52
C GLN A 223 -13.41 22.57 9.51
N GLN A 224 -12.46 21.65 9.30
CA GLN A 224 -12.76 20.56 8.38
C GLN A 224 -13.89 19.69 8.93
N LEU A 225 -13.78 19.33 10.22
CA LEU A 225 -14.74 18.40 10.80
C LEU A 225 -16.14 18.98 10.78
N ALA A 226 -16.24 20.31 11.05
CA ALA A 226 -17.53 20.92 11.09
C ALA A 226 -18.31 20.78 9.76
N LYS A 227 -17.58 20.67 8.64
CA LYS A 227 -18.23 20.57 7.35
C LYS A 227 -19.06 19.29 7.28
N PHE A 228 -18.61 18.22 7.93
CA PHE A 228 -19.37 16.95 7.88
C PHE A 228 -20.71 17.08 8.58
N ARG A 229 -20.77 17.93 9.62
CA ARG A 229 -21.99 18.10 10.40
C ARG A 229 -23.06 18.86 9.66
N SER A 230 -22.71 19.44 8.49
CA SER A 230 -23.64 20.13 7.65
C SER A 230 -24.32 19.20 6.64
N LEU A 231 -23.90 17.95 6.56
CA LEU A 231 -24.71 16.98 5.80
C LEU A 231 -26.07 16.82 6.48
N LEU A 232 -27.09 16.50 5.69
CA LEU A 232 -28.39 16.22 6.21
C LEU A 232 -28.59 14.70 6.35
N CYS A 233 -29.41 14.33 7.31
CA CYS A 233 -29.90 12.97 7.42
C CYS A 233 -31.20 12.75 6.72
N THR A 234 -31.66 13.77 6.03
CA THR A 234 -32.97 13.83 5.38
C THR A 234 -32.81 14.08 3.87
N ALA A 235 -33.74 13.55 3.08
CA ALA A 235 -33.73 13.63 1.65
C ALA A 235 -34.33 14.95 1.13
N GLU A 236 -34.14 15.21 -0.17
CA GLU A 236 -34.78 16.34 -0.79
C GLU A 236 -36.27 16.21 -0.52
N GLY A 237 -36.93 17.30 -0.10
CA GLY A 237 -38.39 17.37 0.14
C GLY A 237 -38.88 16.85 1.49
N GLU A 238 -37.94 16.49 2.36
CA GLU A 238 -38.22 15.96 3.67
C GLU A 238 -37.78 17.16 4.56
N ALA A 239 -38.49 17.46 5.66
CA ALA A 239 -38.01 18.54 6.61
C ALA A 239 -36.56 18.30 7.02
N ALA A 240 -35.75 19.32 6.88
CA ALA A 240 -34.35 19.10 7.01
C ALA A 240 -33.95 18.83 8.48
N ALA A 241 -33.00 17.95 8.59
CA ALA A 241 -32.32 17.70 9.86
C ALA A 241 -30.92 17.38 9.57
N PHE A 242 -30.01 17.92 10.37
CA PHE A 242 -28.56 17.79 10.18
C PHE A 242 -28.03 16.54 10.83
N LEU A 243 -27.01 15.97 10.19
CA LEU A 243 -26.28 14.83 10.69
C LEU A 243 -25.14 15.33 11.57
N VAL A 244 -25.50 15.89 12.73
CA VAL A 244 -24.50 16.50 13.59
C VAL A 244 -23.69 15.51 14.37
N SER A 245 -24.23 14.28 14.56
CA SER A 245 -23.53 13.23 15.31
C SER A 245 -23.99 11.92 14.73
N ASN A 246 -23.04 11.00 14.57
CA ASN A 246 -23.38 9.70 13.92
C ASN A 246 -22.49 8.62 14.43
N HIS A 247 -22.23 8.58 15.73
CA HIS A 247 -21.40 7.56 16.35
C HIS A 247 -22.19 6.74 17.34
N ARG A 248 -21.95 5.44 17.34
CA ARG A 248 -22.54 4.52 18.29
C ARG A 248 -21.63 4.45 19.54
N PRO A 249 -22.21 4.40 20.75
CA PRO A 249 -21.35 4.23 21.91
C PRO A 249 -20.68 2.85 21.96
N PRO A 250 -19.57 2.68 22.65
CA PRO A 250 -19.05 1.34 22.88
C PRO A 250 -20.01 0.44 23.57
N GLN A 251 -19.93 -0.81 23.21
CA GLN A 251 -20.70 -1.90 23.76
C GLN A 251 -19.79 -2.79 24.56
N PRO A 252 -20.35 -3.55 25.51
CA PRO A 252 -19.49 -4.38 26.36
C PRO A 252 -18.76 -5.49 25.64
N LEU A 253 -17.59 -5.84 26.13
CA LEU A 253 -16.83 -6.89 25.52
C LEU A 253 -17.41 -8.25 25.66
N LYS A 254 -17.98 -8.49 26.85
N LYS A 254 -18.20 -8.51 26.71
CA LYS A 254 -18.74 -9.70 27.16
CA LYS A 254 -18.82 -9.85 26.84
C LYS A 254 -17.94 -10.91 26.86
C LYS A 254 -17.82 -11.01 26.63
N GLY A 255 -16.68 -10.91 27.29
CA GLY A 255 -15.79 -12.03 27.31
C GLY A 255 -14.70 -12.02 26.19
N ARG A 256 -14.93 -11.20 25.13
CA ARG A 256 -13.98 -11.15 24.03
C ARG A 256 -12.68 -10.55 24.56
N LYS A 257 -11.61 -10.97 23.95
CA LYS A 257 -10.36 -10.37 24.26
C LYS A 257 -9.83 -9.68 23.02
N VAL A 258 -9.10 -8.61 23.23
CA VAL A 258 -8.55 -7.81 22.15
C VAL A 258 -7.05 -8.13 22.04
N ARG A 259 -6.57 -8.30 20.83
CA ARG A 259 -5.14 -8.60 20.57
C ARG A 259 -4.45 -7.39 20.01
N ALA A 260 -3.17 -7.25 20.29
CA ALA A 260 -2.31 -6.21 19.74
C ALA A 260 -1.32 -6.76 18.72
N SER A 261 -1.07 -5.99 17.69
CA SER A 261 -0.08 -6.31 16.70
C SER A 261 1.31 -5.97 17.09
N PHE A 262 1.48 -5.28 18.22
CA PHE A 262 2.67 -4.61 18.61
C PHE A 262 2.91 -4.81 20.09
N HIS A 263 4.17 -4.67 20.45
CA HIS A 263 4.55 -4.69 21.90
C HIS A 263 5.64 -3.67 22.19
N LEU B 5 34.06 5.90 -18.27
CA LEU B 5 32.85 5.97 -19.21
C LEU B 5 32.48 4.62 -19.97
N SER B 6 33.35 3.59 -19.93
CA SER B 6 33.15 2.40 -20.72
C SER B 6 33.14 1.18 -19.82
N TRP B 7 32.65 1.31 -18.59
CA TRP B 7 32.34 0.16 -17.76
C TRP B 7 31.22 -0.63 -18.37
N GLY B 8 31.17 -1.93 -18.09
CA GLY B 8 30.09 -2.77 -18.62
C GLY B 8 30.11 -4.09 -17.89
N TYR B 9 29.81 -5.18 -18.60
CA TYR B 9 29.69 -6.53 -17.98
C TYR B 9 30.53 -7.51 -18.83
N ARG B 10 31.38 -6.99 -19.70
CA ARG B 10 32.20 -7.91 -20.52
C ARG B 10 33.53 -8.10 -19.76
N GLU B 11 34.42 -8.88 -20.37
CA GLU B 11 35.59 -9.33 -19.60
C GLU B 11 36.46 -8.23 -19.07
N HIS B 12 36.74 -7.29 -19.93
CA HIS B 12 37.70 -6.27 -19.54
C HIS B 12 37.05 -5.09 -18.87
N ASN B 13 35.77 -4.87 -19.03
CA ASN B 13 35.17 -3.72 -18.39
C ASN B 13 34.14 -4.13 -17.28
N GLY B 14 34.12 -5.41 -16.90
CA GLY B 14 33.06 -5.93 -16.07
C GLY B 14 33.34 -5.69 -14.58
N PRO B 15 32.40 -6.16 -13.73
CA PRO B 15 32.37 -5.83 -12.32
C PRO B 15 33.68 -5.96 -11.64
N ILE B 16 34.49 -6.96 -11.90
CA ILE B 16 35.69 -7.11 -11.15
C ILE B 16 36.69 -5.95 -11.46
N HIS B 17 36.48 -5.24 -12.56
CA HIS B 17 37.30 -4.11 -12.94
C HIS B 17 36.74 -2.78 -12.51
N TRP B 18 35.50 -2.70 -12.01
CA TRP B 18 34.90 -1.41 -11.76
C TRP B 18 35.68 -0.55 -10.79
N LYS B 19 36.31 -1.22 -9.82
CA LYS B 19 37.11 -0.51 -8.82
C LYS B 19 38.25 0.29 -9.40
N GLU B 20 38.67 -0.10 -10.54
CA GLU B 20 39.86 0.56 -11.15
C GLU B 20 39.56 1.99 -11.43
N PHE B 21 38.29 2.24 -11.67
CA PHE B 21 37.82 3.54 -11.88
C PHE B 21 36.76 4.15 -10.88
N PHE B 22 36.12 3.35 -10.08
CA PHE B 22 35.25 3.80 -9.07
C PHE B 22 35.70 3.11 -7.77
N PRO B 23 36.60 3.70 -7.03
CA PRO B 23 37.12 2.99 -5.88
C PRO B 23 36.11 2.56 -4.79
N ILE B 24 34.98 3.24 -4.69
CA ILE B 24 33.96 2.84 -3.72
C ILE B 24 33.43 1.46 -4.02
N ALA B 25 33.75 0.90 -5.18
CA ALA B 25 33.36 -0.48 -5.46
C ALA B 25 33.82 -1.41 -4.33
N ASP B 26 34.91 -1.07 -3.64
CA ASP B 26 35.39 -1.83 -2.53
C ASP B 26 35.03 -1.25 -1.16
N GLY B 27 33.95 -0.46 -1.11
CA GLY B 27 33.52 0.19 0.09
C GLY B 27 32.86 -0.78 1.07
N ASP B 28 32.39 -0.22 2.17
CA ASP B 28 31.85 -0.98 3.26
C ASP B 28 30.32 -1.15 3.17
N GLN B 29 29.68 -0.49 2.23
CA GLN B 29 28.23 -0.63 2.11
C GLN B 29 27.83 -0.88 0.66
N GLN B 30 28.49 -1.87 0.06
CA GLN B 30 28.22 -2.19 -1.34
C GLN B 30 27.12 -3.24 -1.52
N SER B 31 26.50 -3.16 -2.66
CA SER B 31 25.41 -4.08 -3.02
C SER B 31 25.71 -4.70 -4.39
N PRO B 32 25.07 -5.83 -4.71
CA PRO B 32 24.15 -6.62 -3.89
C PRO B 32 24.89 -7.48 -2.89
N ILE B 33 24.13 -8.29 -2.16
CA ILE B 33 24.66 -9.15 -1.14
C ILE B 33 23.96 -10.50 -1.23
N GLU B 34 24.60 -11.44 -0.54
N GLU B 34 24.60 -11.45 -0.52
CA GLU B 34 24.03 -12.72 -0.20
CA GLU B 34 24.03 -12.70 -0.19
C GLU B 34 23.15 -12.52 1.08
C GLU B 34 23.13 -12.47 1.06
N ILE B 35 21.88 -12.87 0.98
CA ILE B 35 20.97 -12.83 2.11
C ILE B 35 20.90 -14.20 2.71
N LYS B 36 21.42 -14.37 3.91
CA LYS B 36 21.51 -15.65 4.59
C LYS B 36 20.42 -15.58 5.68
N THR B 37 19.34 -16.30 5.43
CA THR B 37 18.19 -16.11 6.25
C THR B 37 18.38 -16.47 7.73
N LYS B 38 19.30 -17.36 8.09
CA LYS B 38 19.52 -17.67 9.47
C LYS B 38 20.26 -16.52 10.16
N GLU B 39 20.89 -15.64 9.40
CA GLU B 39 21.58 -14.53 9.93
C GLU B 39 20.78 -13.24 9.94
N VAL B 40 19.62 -13.22 9.31
CA VAL B 40 18.83 -12.00 9.27
C VAL B 40 18.14 -11.80 10.63
N LYS B 41 17.94 -10.55 11.01
CA LYS B 41 17.31 -10.20 12.28
C LYS B 41 15.89 -9.76 12.01
N TYR B 42 14.89 -10.46 12.55
CA TYR B 42 13.56 -9.95 12.50
C TYR B 42 13.48 -8.71 13.33
N ASP B 43 12.84 -7.66 12.80
CA ASP B 43 12.75 -6.37 13.50
C ASP B 43 11.33 -5.88 13.50
N SER B 44 10.68 -5.96 14.68
CA SER B 44 9.28 -5.55 14.82
C SER B 44 9.08 -4.07 14.60
N SER B 45 10.14 -3.24 14.60
CA SER B 45 9.96 -1.84 14.32
C SER B 45 9.81 -1.59 12.80
N LEU B 46 10.12 -2.51 11.95
CA LEU B 46 9.94 -2.33 10.51
C LEU B 46 8.44 -2.33 10.21
N ARG B 47 8.05 -1.49 9.25
CA ARG B 47 6.66 -1.35 8.91
C ARG B 47 6.35 -2.06 7.62
N PRO B 48 5.09 -2.40 7.37
CA PRO B 48 4.71 -2.85 6.03
C PRO B 48 5.04 -1.76 5.02
N LEU B 49 5.25 -2.16 3.77
CA LEU B 49 5.42 -1.18 2.70
C LEU B 49 4.12 -0.50 2.44
N SER B 50 4.19 0.84 2.26
CA SER B 50 3.11 1.73 1.87
C SER B 50 3.37 2.20 0.44
N ILE B 51 2.62 1.69 -0.52
CA ILE B 51 3.01 1.84 -1.94
C ILE B 51 1.90 2.49 -2.72
N LYS B 52 2.25 3.60 -3.41
CA LYS B 52 1.33 4.29 -4.29
C LYS B 52 2.04 4.52 -5.61
N TYR B 53 1.60 3.83 -6.67
CA TYR B 53 2.21 3.98 -8.01
C TYR B 53 1.12 4.31 -8.98
N ASP B 54 1.21 5.50 -9.58
CA ASP B 54 0.24 5.98 -10.57
C ASP B 54 0.66 5.42 -11.90
N PRO B 55 -0.17 4.68 -12.60
CA PRO B 55 0.19 4.09 -13.90
C PRO B 55 0.57 5.12 -14.93
N SER B 56 0.14 6.36 -14.78
CA SER B 56 0.49 7.40 -15.73
C SER B 56 1.87 7.92 -15.51
N SER B 57 2.51 7.61 -14.38
CA SER B 57 3.83 8.16 -14.09
C SER B 57 4.87 7.70 -15.07
N ALA B 58 4.79 6.46 -15.56
CA ALA B 58 5.81 5.99 -16.51
C ALA B 58 5.66 6.82 -17.79
N LYS B 59 6.79 7.24 -18.36
CA LYS B 59 6.72 8.04 -19.58
C LYS B 59 7.55 7.53 -20.71
N ILE B 60 8.75 7.00 -20.47
CA ILE B 60 9.70 6.74 -21.48
C ILE B 60 10.44 5.48 -21.12
N ILE B 61 10.77 4.66 -22.10
CA ILE B 61 11.67 3.56 -21.91
C ILE B 61 12.82 3.72 -22.85
N SER B 62 14.05 3.42 -22.33
CA SER B 62 15.26 3.62 -23.08
C SER B 62 16.23 2.46 -22.83
N ASN B 63 17.16 2.31 -23.75
CA ASN B 63 18.26 1.42 -23.59
C ASN B 63 19.45 2.20 -23.12
N SER B 64 19.84 2.03 -21.87
CA SER B 64 20.98 2.75 -21.31
C SER B 64 22.33 2.18 -21.75
N GLY B 65 22.32 1.02 -22.38
CA GLY B 65 23.54 0.25 -22.65
C GLY B 65 23.82 -0.76 -21.54
N HIS B 66 23.20 -0.59 -20.38
CA HIS B 66 23.40 -1.42 -19.22
C HIS B 66 22.15 -2.14 -18.75
N SER B 67 20.99 -1.69 -19.23
CA SER B 67 19.69 -2.30 -18.96
C SER B 67 18.69 -1.50 -19.82
N PHE B 68 17.41 -1.83 -19.70
CA PHE B 68 16.41 -0.83 -20.09
C PHE B 68 16.19 0.06 -18.88
N ASN B 69 15.71 1.27 -19.11
CA ASN B 69 15.29 2.16 -18.05
C ASN B 69 13.92 2.68 -18.36
N VAL B 70 12.96 2.43 -17.50
CA VAL B 70 11.65 3.10 -17.55
C VAL B 70 11.80 4.33 -16.67
N ASP B 71 11.65 5.52 -17.25
CA ASP B 71 11.76 6.76 -16.51
C ASP B 71 10.33 7.22 -16.24
N PHE B 72 10.16 7.62 -14.96
CA PHE B 72 8.87 8.11 -14.47
C PHE B 72 8.96 9.63 -14.29
N ASP B 73 7.82 10.27 -14.50
CA ASP B 73 7.70 11.70 -14.20
C ASP B 73 7.72 11.82 -12.71
N ASP B 74 8.79 12.42 -12.17
CA ASP B 74 8.95 12.62 -10.77
C ASP B 74 8.80 14.09 -10.37
N THR B 75 7.93 14.81 -11.12
CA THR B 75 7.72 16.23 -10.80
C THR B 75 7.10 16.43 -9.46
N GLU B 76 6.24 15.53 -8.99
CA GLU B 76 5.59 15.70 -7.70
C GLU B 76 5.29 14.30 -7.15
N ASN B 77 4.48 14.20 -6.11
CA ASN B 77 4.31 13.01 -5.33
C ASN B 77 3.15 12.16 -5.78
N LYS B 78 3.00 11.92 -7.08
CA LYS B 78 2.02 11.00 -7.59
C LYS B 78 2.35 9.57 -7.22
N SER B 79 3.61 9.19 -7.29
CA SER B 79 4.07 7.80 -7.09
C SER B 79 5.14 7.81 -6.04
N VAL B 80 4.81 7.24 -4.85
CA VAL B 80 5.66 7.32 -3.69
C VAL B 80 5.66 5.99 -2.93
N LEU B 81 6.79 5.73 -2.30
CA LEU B 81 7.00 4.61 -1.41
C LEU B 81 7.22 5.19 -0.01
N ARG B 82 6.47 4.65 0.96
CA ARG B 82 6.62 5.01 2.36
C ARG B 82 6.60 3.72 3.18
N GLY B 83 6.72 3.84 4.50
CA GLY B 83 6.71 2.68 5.34
C GLY B 83 7.96 1.88 5.19
N GLY B 84 7.87 0.57 5.36
CA GLY B 84 9.10 -0.24 5.30
C GLY B 84 10.04 0.23 6.40
N PRO B 85 11.35 0.32 6.08
CA PRO B 85 12.35 0.86 6.98
C PRO B 85 12.46 2.39 6.84
N LEU B 86 11.66 3.02 6.00
CA LEU B 86 11.92 4.40 5.57
C LEU B 86 11.31 5.42 6.52
N THR B 87 12.08 6.53 6.66
CA THR B 87 11.56 7.73 7.30
C THR B 87 11.19 8.69 6.18
N GLY B 88 9.91 9.06 6.08
CA GLY B 88 9.49 10.00 5.04
C GLY B 88 9.10 9.32 3.72
N SER B 89 8.98 10.17 2.72
CA SER B 89 8.41 9.77 1.45
C SER B 89 9.41 9.76 0.37
N TYR B 90 9.44 8.62 -0.35
CA TYR B 90 10.42 8.42 -1.40
C TYR B 90 9.72 8.32 -2.76
N ARG B 91 10.08 9.20 -3.66
CA ARG B 91 9.38 9.41 -4.90
C ARG B 91 9.94 8.47 -6.00
N LEU B 92 9.06 7.85 -6.76
CA LEU B 92 9.45 6.93 -7.83
C LEU B 92 10.15 7.66 -8.94
N ARG B 93 11.29 7.14 -9.36
CA ARG B 93 12.12 7.74 -10.40
C ARG B 93 12.26 6.82 -11.63
N GLN B 94 12.63 5.53 -11.42
CA GLN B 94 13.08 4.72 -12.51
C GLN B 94 12.93 3.27 -12.14
N VAL B 95 12.74 2.43 -13.17
CA VAL B 95 12.75 0.99 -13.05
C VAL B 95 13.71 0.43 -14.06
N HIS B 96 14.46 -0.60 -13.69
CA HIS B 96 15.31 -1.33 -14.64
C HIS B 96 15.41 -2.78 -14.16
N LEU B 97 16.14 -3.59 -14.92
CA LEU B 97 16.18 -5.02 -14.71
C LEU B 97 17.61 -5.55 -14.85
N HIS B 98 17.93 -6.57 -14.05
CA HIS B 98 19.17 -7.29 -14.19
C HIS B 98 18.88 -8.76 -14.49
N TRP B 99 19.69 -9.36 -15.34
CA TRP B 99 19.55 -10.73 -15.76
C TRP B 99 20.93 -11.31 -15.98
N GLY B 100 20.98 -12.61 -16.33
CA GLY B 100 22.18 -13.31 -16.70
C GLY B 100 22.01 -13.96 -18.03
N SER B 101 23.08 -14.67 -18.47
CA SER B 101 22.98 -15.37 -19.73
C SER B 101 22.19 -16.67 -19.61
N ALA B 102 21.94 -17.15 -18.41
CA ALA B 102 21.16 -18.36 -18.22
C ALA B 102 20.07 -18.09 -17.24
N ASP B 103 18.97 -18.78 -17.40
CA ASP B 103 17.82 -18.55 -16.52
C ASP B 103 18.02 -18.93 -15.11
N ASP B 104 19.00 -19.72 -14.77
CA ASP B 104 18.94 -19.97 -13.28
C ASP B 104 20.02 -19.18 -12.58
N HIS B 105 20.58 -18.12 -13.20
CA HIS B 105 21.53 -17.29 -12.51
C HIS B 105 21.52 -15.90 -13.07
N GLY B 106 20.57 -15.09 -12.70
CA GLY B 106 20.42 -13.72 -13.21
C GLY B 106 20.23 -12.63 -12.19
N SER B 107 19.82 -12.97 -10.98
CA SER B 107 19.56 -11.95 -9.98
C SER B 107 20.87 -11.39 -9.45
N GLU B 108 20.73 -10.26 -8.75
CA GLU B 108 21.83 -9.61 -8.04
C GLU B 108 21.88 -10.08 -6.57
N HIS B 109 20.82 -9.87 -5.83
CA HIS B 109 20.69 -10.49 -4.53
C HIS B 109 20.51 -11.99 -4.72
N ILE B 110 21.02 -12.73 -3.74
CA ILE B 110 21.01 -14.20 -3.75
C ILE B 110 20.57 -14.60 -2.36
N VAL B 111 19.65 -15.56 -2.26
CA VAL B 111 19.03 -15.91 -0.98
C VAL B 111 19.42 -17.32 -0.58
N ASP B 112 20.28 -17.47 0.42
CA ASP B 112 20.81 -18.79 0.78
C ASP B 112 21.29 -19.53 -0.41
N GLY B 113 22.05 -18.82 -1.29
CA GLY B 113 22.64 -19.42 -2.44
C GLY B 113 21.75 -19.52 -3.66
N VAL B 114 20.45 -19.20 -3.51
CA VAL B 114 19.51 -19.25 -4.61
C VAL B 114 19.55 -17.94 -5.37
N SER B 115 19.83 -18.14 -6.62
N SER B 115 20.15 -17.94 -6.62
CA SER B 115 19.64 -17.06 -7.48
CA SER B 115 20.03 -16.85 -7.72
C SER B 115 18.35 -17.20 -8.15
C SER B 115 18.79 -17.06 -8.57
N TYR B 116 17.89 -16.06 -8.69
CA TYR B 116 16.70 -16.07 -9.48
C TYR B 116 17.01 -15.76 -10.92
N ALA B 117 16.05 -15.85 -11.79
CA ALA B 117 16.28 -15.62 -13.21
C ALA B 117 16.61 -14.17 -13.52
N ALA B 118 16.06 -13.24 -12.76
CA ALA B 118 16.31 -11.83 -13.00
C ALA B 118 15.89 -11.09 -11.74
N GLU B 119 16.15 -9.77 -11.74
CA GLU B 119 15.82 -8.95 -10.59
C GLU B 119 15.49 -7.54 -11.07
N LEU B 120 14.31 -7.09 -10.72
CA LEU B 120 13.80 -5.75 -11.04
C LEU B 120 14.22 -4.81 -9.91
N HIS B 121 14.69 -3.62 -10.28
CA HIS B 121 15.00 -2.58 -9.33
C HIS B 121 14.11 -1.40 -9.56
N VAL B 122 13.48 -0.93 -8.49
CA VAL B 122 12.54 0.20 -8.51
C VAL B 122 13.13 1.28 -7.64
N VAL B 123 13.60 2.38 -8.27
CA VAL B 123 14.41 3.38 -7.61
C VAL B 123 13.56 4.59 -7.24
N HIS B 124 13.73 5.02 -5.98
CA HIS B 124 13.00 6.16 -5.41
C HIS B 124 13.92 7.07 -4.68
N TRP B 125 13.53 8.34 -4.51
CA TRP B 125 14.38 9.30 -3.81
C TRP B 125 13.61 10.12 -2.77
N ASN B 126 14.33 10.49 -1.74
CA ASN B 126 13.73 11.17 -0.59
C ASN B 126 13.47 12.63 -0.86
N SER B 127 12.25 12.95 -1.23
CA SER B 127 11.90 14.33 -1.57
C SER B 127 11.51 15.11 -0.30
N ASP B 128 11.35 14.44 0.82
CA ASP B 128 11.19 15.18 2.12
C ASP B 128 12.42 15.82 2.62
N LYS B 129 13.58 15.38 2.21
CA LYS B 129 14.86 15.91 2.67
C LYS B 129 15.64 16.55 1.55
N TYR B 130 15.44 16.17 0.31
CA TYR B 130 16.24 16.63 -0.76
C TYR B 130 15.40 17.23 -1.84
N PRO B 131 15.97 18.18 -2.62
CA PRO B 131 15.17 18.90 -3.63
C PRO B 131 15.11 18.17 -4.96
N SER B 132 15.94 17.14 -5.16
CA SER B 132 15.96 16.45 -6.47
C SER B 132 16.56 15.08 -6.25
N PHE B 133 16.34 14.23 -7.23
CA PHE B 133 16.99 12.91 -7.27
C PHE B 133 18.49 13.07 -7.20
N VAL B 134 19.07 14.00 -7.97
CA VAL B 134 20.50 14.06 -8.02
C VAL B 134 21.09 14.37 -6.65
N GLU B 135 20.49 15.28 -5.90
CA GLU B 135 20.98 15.54 -4.52
C GLU B 135 20.79 14.30 -3.62
N ALA B 136 19.66 13.67 -3.72
CA ALA B 136 19.40 12.54 -2.86
C ALA B 136 20.38 11.38 -3.14
N ALA B 137 20.81 11.25 -4.39
CA ALA B 137 21.59 10.10 -4.80
C ALA B 137 22.97 10.06 -4.09
N HIS B 138 23.38 11.17 -3.49
CA HIS B 138 24.65 11.31 -2.81
C HIS B 138 24.58 11.33 -1.32
N GLU B 139 23.48 10.87 -0.76
CA GLU B 139 23.30 10.90 0.68
C GLU B 139 22.86 9.55 1.19
N PRO B 140 23.28 9.18 2.41
CA PRO B 140 22.97 7.80 2.88
C PRO B 140 21.50 7.46 2.95
N ASP B 141 20.67 8.45 3.29
CA ASP B 141 19.22 8.32 3.36
C ASP B 141 18.53 8.75 2.11
N GLY B 142 19.24 8.92 1.00
CA GLY B 142 18.68 9.58 -0.17
C GLY B 142 17.79 8.68 -1.03
N LEU B 143 18.19 7.42 -1.22
CA LEU B 143 17.50 6.56 -2.17
C LEU B 143 16.89 5.36 -1.45
N ALA B 144 15.76 4.87 -2.00
CA ALA B 144 15.15 3.61 -1.52
C ALA B 144 14.94 2.80 -2.82
N VAL B 145 15.38 1.55 -2.79
CA VAL B 145 15.26 0.70 -3.97
C VAL B 145 14.59 -0.58 -3.57
N LEU B 146 13.52 -0.87 -4.30
N LEU B 146 13.49 -0.89 -4.26
CA LEU B 146 12.83 -2.13 -4.20
CA LEU B 146 12.80 -2.17 -4.10
C LEU B 146 13.53 -3.11 -5.11
C LEU B 146 13.40 -3.12 -5.11
N GLY B 147 13.83 -4.29 -4.61
CA GLY B 147 14.29 -5.38 -5.44
C GLY B 147 13.23 -6.46 -5.50
N VAL B 148 12.89 -6.87 -6.70
CA VAL B 148 11.86 -7.88 -6.94
C VAL B 148 12.47 -8.96 -7.78
N PHE B 149 12.51 -10.18 -7.30
CA PHE B 149 13.02 -11.28 -8.07
C PHE B 149 12.04 -11.71 -9.14
N LEU B 150 12.56 -12.20 -10.25
CA LEU B 150 11.79 -12.84 -11.31
C LEU B 150 12.22 -14.29 -11.38
N GLN B 151 11.24 -15.17 -11.49
CA GLN B 151 11.48 -16.60 -11.72
C GLN B 151 10.77 -16.97 -13.03
N ILE B 152 11.28 -18.03 -13.67
CA ILE B 152 10.62 -18.51 -14.89
C ILE B 152 9.33 -19.15 -14.58
N GLY B 153 8.32 -18.78 -15.29
CA GLY B 153 6.96 -19.37 -15.11
C GLY B 153 6.12 -18.89 -16.26
N GLU B 154 4.84 -18.67 -15.94
CA GLU B 154 3.95 -18.22 -17.00
C GLU B 154 4.38 -16.85 -17.51
N PRO B 155 4.10 -16.56 -18.77
CA PRO B 155 4.28 -15.22 -19.25
C PRO B 155 3.61 -14.21 -18.38
N ASN B 156 4.21 -13.05 -18.27
CA ASN B 156 3.70 -11.96 -17.45
C ASN B 156 3.12 -10.92 -18.36
N SER B 157 1.80 -10.76 -18.33
CA SER B 157 1.18 -9.86 -19.29
C SER B 157 1.63 -8.46 -19.16
N GLN B 158 1.95 -8.00 -17.95
CA GLN B 158 2.47 -6.66 -17.77
C GLN B 158 3.88 -6.47 -18.31
N LEU B 159 4.74 -7.49 -18.10
CA LEU B 159 6.06 -7.40 -18.63
C LEU B 159 6.07 -7.50 -20.14
N GLN B 160 5.07 -8.16 -20.75
CA GLN B 160 4.98 -8.22 -22.21
C GLN B 160 4.93 -6.82 -22.82
N LYS B 161 4.39 -5.88 -22.08
CA LYS B 161 4.33 -4.52 -22.58
C LYS B 161 5.76 -3.93 -22.75
N ILE B 162 6.67 -4.28 -21.79
CA ILE B 162 8.06 -3.91 -21.92
C ILE B 162 8.73 -4.72 -23.06
N THR B 163 8.53 -6.06 -23.08
CA THR B 163 9.20 -6.87 -24.12
C THR B 163 8.81 -6.41 -25.52
N ASP B 164 7.56 -5.90 -25.69
CA ASP B 164 7.12 -5.47 -27.00
C ASP B 164 7.83 -4.23 -27.42
N THR B 165 8.41 -3.46 -26.52
CA THR B 165 9.16 -2.28 -26.90
C THR B 165 10.58 -2.53 -27.28
N LEU B 166 11.13 -3.71 -27.01
CA LEU B 166 12.58 -3.81 -27.04
C LEU B 166 13.16 -3.74 -28.42
N ASP B 167 12.44 -4.20 -29.46
CA ASP B 167 12.99 -4.05 -30.80
C ASP B 167 13.26 -2.57 -31.12
N SER B 168 12.39 -1.69 -30.60
CA SER B 168 12.48 -0.28 -30.94
C SER B 168 13.63 0.39 -30.17
N ILE B 169 14.15 -0.26 -29.15
CA ILE B 169 15.23 0.33 -28.40
C ILE B 169 16.49 -0.60 -28.39
N LYS B 170 16.72 -1.32 -29.47
CA LYS B 170 17.83 -2.27 -29.49
C LYS B 170 19.15 -1.58 -29.27
N GLU B 171 19.36 -0.48 -29.96
CA GLU B 171 20.63 0.22 -29.84
C GLU B 171 20.72 1.08 -28.59
N LYS B 172 21.93 1.16 -28.03
CA LYS B 172 22.18 2.00 -26.90
C LYS B 172 21.73 3.41 -27.18
N GLY B 173 20.99 4.01 -26.26
CA GLY B 173 20.50 5.42 -26.39
C GLY B 173 19.17 5.54 -26.95
N LYS B 174 18.64 4.56 -27.60
CA LYS B 174 17.30 4.67 -28.16
C LYS B 174 16.26 4.75 -27.05
N GLN B 175 15.20 5.47 -27.34
CA GLN B 175 14.13 5.70 -26.41
C GLN B 175 12.78 5.60 -27.16
N THR B 176 11.77 5.57 -26.35
N THR B 176 11.74 4.98 -26.53
CA THR B 176 10.48 5.61 -26.93
CA THR B 176 10.35 4.93 -27.04
C THR B 176 9.39 5.51 -25.88
C THR B 176 9.46 5.56 -25.90
N ARG B 177 8.28 6.08 -26.25
CA ARG B 177 7.25 6.36 -25.28
C ARG B 177 6.67 5.14 -24.71
N PHE B 178 6.36 5.23 -23.37
CA PHE B 178 5.90 4.08 -22.66
C PHE B 178 5.15 4.61 -21.44
N THR B 179 3.87 4.33 -21.35
CA THR B 179 3.09 4.80 -20.20
C THR B 179 2.02 3.82 -19.87
N ASN B 180 1.17 4.16 -18.93
CA ASN B 180 0.12 3.27 -18.46
C ASN B 180 0.67 1.97 -17.97
N PHE B 181 1.58 2.04 -17.02
CA PHE B 181 2.33 0.89 -16.49
C PHE B 181 1.97 0.73 -15.04
N ASP B 182 1.16 -0.29 -14.76
CA ASP B 182 0.59 -0.49 -13.41
C ASP B 182 1.62 -1.26 -12.58
N LEU B 183 2.62 -0.54 -12.14
CA LEU B 183 3.70 -1.11 -11.34
C LEU B 183 3.16 -1.70 -10.06
N LEU B 184 2.14 -1.10 -9.43
CA LEU B 184 1.59 -1.66 -8.22
C LEU B 184 1.11 -3.09 -8.41
N SER B 185 0.42 -3.36 -9.56
N SER B 185 0.40 -3.31 -9.51
CA SER B 185 -0.10 -4.70 -9.89
CA SER B 185 -0.12 -4.60 -9.71
C SER B 185 0.96 -5.71 -10.30
C SER B 185 0.97 -5.63 -10.09
N LEU B 186 2.12 -5.18 -10.66
CA LEU B 186 3.21 -6.04 -11.05
C LEU B 186 3.85 -6.71 -9.80
N LEU B 187 3.80 -6.06 -8.66
CA LEU B 187 4.45 -6.57 -7.49
C LEU B 187 3.84 -7.91 -7.07
N PRO B 188 4.58 -8.77 -6.36
CA PRO B 188 4.07 -10.07 -5.97
C PRO B 188 2.95 -9.92 -4.91
N PRO B 189 2.25 -11.01 -4.63
CA PRO B 189 1.21 -10.95 -3.58
C PRO B 189 1.69 -10.54 -2.24
N SER B 190 2.81 -11.10 -1.78
CA SER B 190 3.39 -10.74 -0.49
C SER B 190 4.43 -9.68 -0.66
N TRP B 191 4.38 -8.70 0.24
CA TRP B 191 5.37 -7.62 0.27
C TRP B 191 6.28 -7.76 1.47
N ASP B 192 6.42 -8.98 1.99
CA ASP B 192 7.43 -9.20 3.00
C ASP B 192 8.82 -9.02 2.42
N TYR B 193 9.71 -8.47 3.23
CA TYR B 193 10.99 -8.02 2.69
C TYR B 193 12.13 -8.15 3.70
N TRP B 194 13.33 -8.13 3.13
CA TRP B 194 14.56 -7.86 3.85
C TRP B 194 15.05 -6.51 3.55
N THR B 195 15.81 -5.90 4.47
CA THR B 195 16.34 -4.57 4.23
C THR B 195 17.73 -4.44 4.81
N TYR B 196 18.57 -3.65 4.15
CA TYR B 196 19.89 -3.35 4.65
C TYR B 196 20.37 -2.09 3.93
N PRO B 197 21.38 -1.38 4.49
CA PRO B 197 21.94 -0.20 3.85
C PRO B 197 22.97 -0.64 2.80
N GLY B 198 22.88 -0.10 1.62
CA GLY B 198 23.81 -0.44 0.56
C GLY B 198 23.96 0.63 -0.48
N SER B 199 24.13 0.18 -1.72
CA SER B 199 24.66 1.05 -2.77
C SER B 199 23.89 0.85 -4.07
N LEU B 200 24.11 1.76 -5.00
CA LEU B 200 23.85 1.46 -6.39
C LEU B 200 24.65 0.20 -6.75
N THR B 201 24.11 -0.61 -7.69
CA THR B 201 24.87 -1.79 -8.15
C THR B 201 25.51 -1.59 -9.48
N VAL B 202 25.51 -0.36 -9.97
CA VAL B 202 26.28 0.05 -11.14
C VAL B 202 27.12 1.26 -10.76
N PRO B 203 28.22 1.50 -11.44
CA PRO B 203 28.93 2.78 -11.32
C PRO B 203 27.91 3.92 -11.45
N PRO B 204 28.02 4.93 -10.57
CA PRO B 204 29.14 5.22 -9.64
C PRO B 204 29.07 4.54 -8.27
N LEU B 205 28.17 3.57 -8.06
CA LEU B 205 28.25 2.68 -6.89
C LEU B 205 28.04 3.41 -5.59
N LEU B 206 27.28 4.50 -5.62
CA LEU B 206 27.12 5.38 -4.46
C LEU B 206 26.42 4.65 -3.33
N GLU B 207 26.89 4.89 -2.09
CA GLU B 207 26.35 4.23 -0.91
C GLU B 207 25.24 5.09 -0.33
N SER B 208 24.12 5.11 -1.05
CA SER B 208 23.00 6.01 -0.79
C SER B 208 21.68 5.28 -0.74
N VAL B 209 21.72 3.92 -0.73
CA VAL B 209 20.51 3.14 -0.94
C VAL B 209 20.05 2.41 0.29
N THR B 210 18.79 2.60 0.67
CA THR B 210 18.15 1.68 1.57
C THR B 210 17.49 0.59 0.70
N TRP B 211 18.06 -0.62 0.77
CA TRP B 211 17.54 -1.72 -0.04
C TRP B 211 16.36 -2.35 0.67
N ILE B 212 15.34 -2.68 -0.14
CA ILE B 212 14.15 -3.38 0.34
C ILE B 212 13.94 -4.49 -0.69
N VAL B 213 14.31 -5.71 -0.31
CA VAL B 213 14.31 -6.87 -1.25
C VAL B 213 13.13 -7.72 -0.87
N LEU B 214 12.17 -7.87 -1.79
CA LEU B 214 11.00 -8.68 -1.51
C LEU B 214 11.37 -10.15 -1.57
N LYS B 215 10.83 -10.93 -0.63
CA LYS B 215 11.07 -12.37 -0.62
C LYS B 215 10.43 -13.10 -1.81
N GLN B 216 9.21 -12.73 -2.16
CA GLN B 216 8.43 -13.50 -3.12
C GLN B 216 8.74 -13.05 -4.56
N PRO B 217 9.11 -13.97 -5.44
N PRO B 217 9.20 -13.96 -5.41
CA PRO B 217 9.34 -13.58 -6.85
CA PRO B 217 9.42 -13.59 -6.84
C PRO B 217 8.04 -13.39 -7.60
C PRO B 217 8.11 -13.41 -7.60
N ILE B 218 8.17 -12.72 -8.73
CA ILE B 218 7.16 -12.66 -9.76
C ILE B 218 7.60 -13.55 -10.94
N ASN B 219 6.72 -13.65 -11.93
N ASN B 219 6.69 -13.96 -11.80
CA ASN B 219 6.92 -14.56 -13.01
CA ASN B 219 7.02 -14.87 -12.91
C ASN B 219 7.29 -13.84 -14.29
C ASN B 219 7.26 -14.07 -14.19
N ILE B 220 8.07 -14.62 -15.10
CA ILE B 220 8.33 -14.18 -16.44
C ILE B 220 8.49 -15.45 -17.27
N SER B 221 8.11 -15.45 -18.57
CA SER B 221 8.46 -16.69 -19.32
C SER B 221 9.93 -16.62 -19.77
N SER B 222 10.50 -17.74 -20.17
N SER B 222 10.44 -17.84 -20.05
CA SER B 222 11.84 -17.71 -20.66
CA SER B 222 11.79 -17.96 -20.55
C SER B 222 11.94 -16.88 -21.98
C SER B 222 11.92 -17.14 -21.86
N GLN B 223 10.90 -17.02 -22.76
CA GLN B 223 11.01 -16.32 -24.01
C GLN B 223 10.94 -14.84 -23.75
N GLN B 224 10.12 -14.36 -22.79
CA GLN B 224 10.14 -12.94 -22.48
C GLN B 224 11.50 -12.50 -21.93
N LEU B 225 12.07 -13.29 -21.02
CA LEU B 225 13.36 -12.92 -20.46
C LEU B 225 14.41 -12.86 -21.53
N ALA B 226 14.40 -13.82 -22.46
CA ALA B 226 15.44 -13.90 -23.47
C ALA B 226 15.45 -12.64 -24.31
N LYS B 227 14.31 -11.98 -24.51
CA LYS B 227 14.33 -10.78 -25.35
C LYS B 227 15.22 -9.71 -24.78
N PHE B 228 15.39 -9.63 -23.45
CA PHE B 228 16.27 -8.59 -22.91
C PHE B 228 17.69 -8.74 -23.36
N ARG B 229 18.13 -9.99 -23.58
CA ARG B 229 19.53 -10.26 -23.98
C ARG B 229 19.86 -9.77 -25.35
N SER B 230 18.82 -9.44 -26.12
N SER B 230 18.86 -9.41 -26.15
CA SER B 230 18.97 -8.92 -27.47
CA SER B 230 19.14 -8.91 -27.49
C SER B 230 19.15 -7.40 -27.53
C SER B 230 19.40 -7.40 -27.50
N LEU B 231 19.14 -6.71 -26.38
CA LEU B 231 19.56 -5.33 -26.33
C LEU B 231 21.06 -5.26 -26.55
N LEU B 232 21.50 -4.19 -27.20
CA LEU B 232 22.93 -3.95 -27.37
C LEU B 232 23.45 -3.08 -26.23
N CYS B 233 24.69 -3.36 -25.89
CA CYS B 233 25.45 -2.49 -25.01
C CYS B 233 26.27 -1.43 -25.73
N THR B 234 26.14 -1.42 -27.04
CA THR B 234 26.80 -0.55 -27.98
C THR B 234 25.77 0.31 -28.75
N ALA B 235 26.27 1.46 -29.13
CA ALA B 235 25.46 2.53 -29.74
C ALA B 235 25.38 2.30 -31.25
N GLU B 236 24.48 3.05 -31.92
CA GLU B 236 24.57 3.18 -33.40
C GLU B 236 26.02 3.44 -33.88
N GLY B 237 26.48 2.67 -34.85
CA GLY B 237 27.77 2.90 -35.54
C GLY B 237 29.02 2.30 -34.90
N GLU B 238 28.84 1.52 -33.84
CA GLU B 238 29.89 0.82 -33.08
C GLU B 238 29.78 -0.70 -33.32
N ALA B 239 30.92 -1.43 -33.35
CA ALA B 239 30.86 -2.91 -33.38
C ALA B 239 29.83 -3.47 -32.34
N ALA B 240 28.83 -4.20 -32.81
CA ALA B 240 27.73 -4.66 -31.94
C ALA B 240 28.18 -5.64 -30.89
N ALA B 241 27.68 -5.44 -29.67
CA ALA B 241 27.78 -6.46 -28.65
C ALA B 241 26.52 -6.48 -27.84
N PHE B 242 26.12 -7.66 -27.48
CA PHE B 242 24.84 -7.87 -26.83
C PHE B 242 24.95 -7.85 -25.31
N LEU B 243 23.88 -7.35 -24.69
CA LEU B 243 23.78 -7.28 -23.23
C LEU B 243 23.22 -8.59 -22.71
N VAL B 244 24.00 -9.68 -22.80
CA VAL B 244 23.50 -10.99 -22.44
C VAL B 244 23.40 -11.19 -20.93
N SER B 245 24.16 -10.39 -20.16
CA SER B 245 24.22 -10.49 -18.70
C SER B 245 24.58 -9.15 -18.16
N ASN B 246 23.91 -8.74 -17.07
CA ASN B 246 24.13 -7.40 -16.50
C ASN B 246 23.90 -7.41 -15.02
N HIS B 247 24.37 -8.42 -14.32
CA HIS B 247 24.24 -8.51 -12.86
C HIS B 247 25.61 -8.44 -12.20
N ARG B 248 25.70 -7.68 -11.15
CA ARG B 248 26.90 -7.58 -10.35
C ARG B 248 26.95 -8.72 -9.37
N PRO B 249 28.13 -9.28 -9.10
CA PRO B 249 28.27 -10.30 -8.07
C PRO B 249 27.96 -9.74 -6.69
N PRO B 250 27.73 -10.64 -5.73
CA PRO B 250 27.48 -10.22 -4.33
C PRO B 250 28.75 -9.67 -3.73
N GLN B 251 28.58 -8.72 -2.79
CA GLN B 251 29.62 -7.99 -2.18
C GLN B 251 29.68 -8.26 -0.69
N PRO B 252 30.84 -8.03 -0.06
CA PRO B 252 30.99 -8.37 1.33
C PRO B 252 30.01 -7.58 2.23
N LEU B 253 29.45 -8.26 3.20
CA LEU B 253 28.47 -7.63 4.09
C LEU B 253 29.14 -6.64 5.04
N LYS B 254 30.37 -6.93 5.46
CA LYS B 254 31.12 -6.00 6.28
C LYS B 254 30.40 -5.54 7.51
N GLY B 255 29.71 -6.46 8.19
CA GLY B 255 29.14 -6.13 9.50
C GLY B 255 27.80 -5.41 9.50
N ARG B 256 27.23 -5.21 8.30
CA ARG B 256 25.90 -4.63 8.23
C ARG B 256 24.86 -5.59 8.75
N LYS B 257 23.75 -5.06 9.21
CA LYS B 257 22.62 -5.87 9.70
C LYS B 257 21.60 -6.00 8.55
N VAL B 258 21.26 -7.22 8.20
CA VAL B 258 20.14 -7.43 7.29
C VAL B 258 18.95 -7.77 8.19
N ARG B 259 17.86 -7.02 8.02
CA ARG B 259 16.68 -7.15 8.84
C ARG B 259 15.55 -7.71 8.02
N ALA B 260 14.64 -8.42 8.67
CA ALA B 260 13.43 -8.98 8.05
C ALA B 260 12.21 -8.31 8.63
N SER B 261 11.21 -8.09 7.76
CA SER B 261 9.92 -7.53 8.15
C SER B 261 8.94 -8.56 8.64
N PHE B 262 9.37 -9.82 8.67
CA PHE B 262 8.48 -10.96 8.84
C PHE B 262 9.27 -12.03 9.57
N HIS B 263 8.57 -12.97 10.18
CA HIS B 263 9.22 -14.18 10.79
C HIS B 263 8.25 -15.29 10.83
ZN ZN C . -18.69 2.65 10.55
C1 CIT D . -24.09 9.87 23.72
O1 CIT D . -24.79 8.75 23.79
O2 CIT D . -23.29 10.28 24.67
C2 CIT D . -24.34 10.69 22.46
C3 CIT D . -23.32 11.86 22.30
O7 CIT D . -21.97 11.32 22.42
C4 CIT D . -23.60 12.49 20.93
C5 CIT D . -22.58 13.57 20.56
O3 CIT D . -21.45 13.32 20.21
O4 CIT D . -22.98 14.70 20.70
C6 CIT D . -23.53 12.98 23.31
O5 CIT D . -24.67 13.33 23.57
O6 CIT D . -22.51 13.53 23.86
C1 CIT E . -36.26 11.23 16.13
O1 CIT E . -36.02 10.01 15.97
O2 CIT E . -36.14 11.83 17.21
C2 CIT E . -36.48 11.97 14.82
C3 CIT E . -37.84 12.22 14.23
O7 CIT E . -37.84 13.67 14.22
C4 CIT E . -37.95 11.95 12.74
C5 CIT E . -39.30 11.70 12.10
O3 CIT E . -40.12 10.95 12.72
O4 CIT E . -39.53 12.22 10.97
C6 CIT E . -39.01 11.83 15.17
O5 CIT E . -39.33 10.71 15.67
O6 CIT E . -39.64 12.85 15.49
C1 PEG F . -21.35 -16.00 21.75
O1 PEG F . -22.53 -15.50 22.30
C2 PEG F . -19.84 -15.97 21.77
O2 PEG F . -19.04 -14.78 21.75
C3 PEG F . -17.91 -13.95 22.03
C4 PEG F . -17.96 -12.56 22.52
O4 PEG F . -18.69 -12.35 23.59
C ACT G . -19.02 -0.47 10.05
O ACT G . -20.25 -0.51 10.46
OXT ACT G . -18.38 0.62 9.91
CH3 ACT G . -18.36 -1.73 9.65
C1 EDO H . -12.43 -13.19 22.23
O1 EDO H . -12.18 -12.43 21.12
C2 EDO H . -11.17 -13.56 22.93
O2 EDO H . -10.64 -14.78 22.66
C1 EDO I . -3.35 9.24 20.72
O1 EDO I . -4.13 9.18 21.98
C2 EDO I . -1.85 9.32 21.01
O2 EDO I . -1.18 9.18 19.77
F18 V90 J . -23.73 -1.70 6.38
C5 V90 J . -23.13 -1.61 5.15
C6 V90 J . -21.78 -1.35 5.07
S12 V90 J . -20.87 -1.02 6.54
C13 V90 J . -21.79 -0.10 7.66
C14 V90 J . -22.61 0.95 6.91
O15 V90 J . -21.94 1.97 6.47
C1 V90 J . -21.13 -1.20 3.82
F17 V90 J . -19.86 -0.93 3.84
C4 V90 J . -23.84 -1.84 3.98
C3 V90 J . -23.22 -1.76 2.71
S8 V90 J . -24.15 -2.07 1.21
O10 V90 J . -25.10 -0.97 1.00
N11 V90 J . -22.90 -2.02 0.09
O9 V90 J . -24.87 -3.43 1.32
C2 V90 J . -21.78 -1.46 2.63
F16 V90 J . -21.12 -1.33 1.45
N7 V90 J . -25.22 -2.17 4.04
C19 V90 J . -25.77 -3.29 4.82
C26 V90 J . -27.26 -3.34 4.29
C25 V90 J . -28.29 -4.33 4.82
C24 V90 J . -28.14 -5.44 3.79
C23 V90 J . -27.33 -6.71 4.11
C22 V90 J . -25.82 -6.57 4.31
C21 V90 J . -25.31 -5.68 5.46
C20 V90 J . -24.75 -4.45 4.89
ZN ZN K . 19.85 -2.12 -10.43
C1 CIT L . 35.76 -2.44 -26.32
O1 CIT L . 35.15 -1.88 -27.27
O2 CIT L . 36.90 -2.03 -25.88
C2 CIT L . 35.08 -3.65 -25.74
C3 CIT L . 35.77 -4.19 -24.49
O7 CIT L . 35.58 -3.27 -23.36
C4 CIT L . 35.12 -5.54 -24.17
C5 CIT L . 35.57 -5.90 -22.80
O3 CIT L . 35.92 -7.07 -22.63
O4 CIT L . 35.47 -5.03 -21.90
C6 CIT L . 37.25 -4.44 -24.83
O5 CIT L . 37.59 -5.08 -25.89
O6 CIT L . 38.12 -3.93 -24.05
C1 EDO M . 22.23 -23.60 8.16
O1 EDO M . 21.01 -23.60 7.47
C2 EDO M . 23.20 -22.61 7.48
O2 EDO M . 23.09 -21.44 8.32
C1 EDO N . 10.78 3.96 10.63
O1 EDO N . 9.43 3.69 10.89
C2 EDO N . 11.48 2.79 10.08
O2 EDO N . 12.65 2.33 10.68
C1 CIT O . 27.07 -15.35 -13.94
O1 CIT O . 25.84 -15.67 -14.15
O2 CIT O . 27.40 -14.74 -12.78
C2 CIT O . 28.02 -15.53 -15.13
C3 CIT O . 27.63 -14.38 -16.10
O7 CIT O . 27.28 -13.28 -15.29
C4 CIT O . 28.71 -13.70 -17.03
C5 CIT O . 30.20 -13.22 -16.73
O3 CIT O . 31.19 -13.93 -17.19
O4 CIT O . 30.47 -12.13 -16.09
C6 CIT O . 26.47 -14.81 -16.96
O5 CIT O . 26.80 -15.16 -18.12
O6 CIT O . 25.32 -14.68 -16.72
C1 EDO P . 9.11 -16.47 -1.26
O1 EDO P . 8.09 -16.82 -2.15
C2 EDO P . 10.32 -16.89 -1.95
O2 EDO P . 10.62 -18.12 -1.26
C ACT Q . 20.45 0.27 -8.46
O ACT Q . 19.63 -0.54 -8.99
OXT ACT Q . 21.66 0.42 -8.85
CH3 ACT Q . 19.92 1.16 -7.37
F18 V90 R . 22.11 5.75 -11.06
C5 V90 R . 20.91 6.16 -11.45
C6 V90 R . 19.85 5.31 -11.14
S12 V90 R . 20.06 3.81 -10.27
C13 V90 R . 21.21 2.92 -11.25
C14 V90 R . 20.94 3.09 -12.78
O15 V90 R . 20.06 2.43 -13.41
C1 V90 R . 18.60 5.74 -11.51
F17 V90 R . 17.53 5.04 -11.24
C4 V90 R . 20.80 7.34 -12.22
C3 V90 R . 19.52 7.71 -12.67
S8 V90 R . 19.15 9.07 -13.70
O10 V90 R . 18.81 8.53 -15.08
N11 V90 R . 17.99 9.73 -13.11
O9 V90 R . 20.33 9.89 -13.82
C2 V90 R . 18.45 6.88 -12.26
F16 V90 R . 17.20 7.22 -12.67
N7 V90 R . 21.89 8.11 -12.55
C19 V90 R . 23.13 8.30 -11.78
C26 V90 R . 24.06 9.18 -12.64
C25 V90 R . 25.47 9.25 -12.06
C24 V90 R . 25.75 10.45 -11.19
C23 V90 R . 24.83 11.27 -10.30
C22 V90 R . 24.25 10.45 -9.17
C21 V90 R . 24.06 8.88 -9.37
C20 V90 R . 22.90 8.61 -10.28
#